data_5EDJ
#
_entry.id   5EDJ
#
_cell.length_a   115.390
_cell.length_b   115.390
_cell.length_c   38.812
_cell.angle_alpha   90.00
_cell.angle_beta   90.00
_cell.angle_gamma   120.00
#
_symmetry.space_group_name_H-M   'P 64'
#
loop_
_entity.id
_entity.type
_entity.pdbx_description
1 polymer 'FrpC operon protein'
2 water water
#
_entity_poly.entity_id   1
_entity_poly.type   'polypeptide(L)'
_entity_poly.pdbx_seq_one_letter_code
;KEQTSFNNPEPMTGFEHTVTFDFQGTKMVIPYGYLARYTQDNATKWLSDTPGQDAYSINLIEISVYYKKTDQGWVLEPYN
QQNKAHFIQFLRDGLDSVDDIVIRKDACSLSTTMGERLLTYGVKKMPSAYPEYEAYEDKRHIPENPYFHEFYYIKKGENP
AIITHRNNRINQTEEDSYSTSVGSCINGFTVQYYPFIREKQQLTQQELVGYHQQVEQLVQSFVNNSNKKLE
;
_entity_poly.pdbx_strand_id   A
#
# COMPACT_ATOMS: atom_id res chain seq x y z
N GLU A 2 -26.91 8.31 0.28
CA GLU A 2 -26.88 7.05 1.07
C GLU A 2 -26.43 7.32 2.50
N GLN A 3 -26.99 6.60 3.47
CA GLN A 3 -26.64 6.84 4.87
C GLN A 3 -25.49 5.97 5.40
N THR A 4 -24.60 6.61 6.15
CA THR A 4 -23.45 5.97 6.79
C THR A 4 -23.82 5.41 8.18
N SER A 5 -23.20 4.31 8.59
CA SER A 5 -23.39 3.78 9.96
C SER A 5 -22.09 3.17 10.44
N PHE A 6 -21.97 3.08 11.76
CA PHE A 6 -20.78 2.59 12.39
C PHE A 6 -21.17 1.56 13.42
N ASN A 7 -21.93 0.56 12.97
CA ASN A 7 -22.61 -0.37 13.85
C ASN A 7 -21.95 -1.75 13.99
N ASN A 8 -20.73 -1.90 13.49
CA ASN A 8 -19.96 -3.13 13.69
C ASN A 8 -19.09 -3.03 14.96
N PRO A 9 -19.01 -4.10 15.74
CA PRO A 9 -18.14 -4.03 16.93
C PRO A 9 -16.66 -4.16 16.54
N GLU A 10 -15.75 -3.95 17.50
CA GLU A 10 -14.32 -4.20 17.27
C GLU A 10 -14.03 -5.65 16.85
N PRO A 11 -13.15 -5.84 15.85
CA PRO A 11 -12.81 -7.19 15.35
C PRO A 11 -11.86 -7.94 16.27
N MET A 12 -11.90 -9.27 16.15
CA MET A 12 -10.92 -10.13 16.79
C MET A 12 -10.07 -10.82 15.73
N THR A 13 -10.65 -11.02 14.55
CA THR A 13 -9.93 -11.60 13.44
C THR A 13 -9.77 -10.59 12.31
N GLY A 14 -10.68 -9.61 12.25
CA GLY A 14 -10.76 -8.70 11.11
C GLY A 14 -11.73 -9.19 10.04
N PHE A 15 -12.22 -10.41 10.19
CA PHE A 15 -13.02 -11.04 9.13
C PHE A 15 -14.48 -11.27 9.49
N GLU A 16 -14.91 -10.71 10.62
CA GLU A 16 -16.25 -10.88 11.16
C GLU A 16 -17.36 -10.27 10.29
N HIS A 17 -17.06 -9.18 9.62
CA HIS A 17 -18.02 -8.48 8.78
C HIS A 17 -17.28 -8.00 7.54
N THR A 18 -18.01 -7.70 6.48
CA THR A 18 -17.44 -7.03 5.33
C THR A 18 -18.22 -5.76 5.10
N VAL A 19 -17.61 -4.82 4.40
CA VAL A 19 -18.37 -3.69 3.90
C VAL A 19 -18.36 -3.70 2.39
N THR A 20 -19.51 -3.39 1.81
CA THR A 20 -19.67 -3.45 0.36
C THR A 20 -19.71 -2.02 -0.19
N PHE A 21 -18.92 -1.81 -1.22
CA PHE A 21 -18.77 -0.51 -1.83
C PHE A 21 -19.16 -0.62 -3.28
N ASP A 22 -19.73 0.45 -3.80
CA ASP A 22 -19.96 0.55 -5.23
C ASP A 22 -19.09 1.63 -5.87
N PHE A 23 -18.17 1.19 -6.72
CA PHE A 23 -17.29 2.09 -7.46
C PHE A 23 -17.78 2.19 -8.91
N GLN A 24 -18.57 3.21 -9.21
CA GLN A 24 -19.14 3.36 -10.54
C GLN A 24 -19.61 2.02 -11.13
N GLY A 25 -20.31 1.23 -10.32
CA GLY A 25 -20.94 0.00 -10.81
C GLY A 25 -20.16 -1.26 -10.46
N THR A 26 -18.88 -1.09 -10.13
CA THR A 26 -18.04 -2.21 -9.67
C THR A 26 -18.19 -2.40 -8.17
N LYS A 27 -18.64 -3.60 -7.81
CA LYS A 27 -18.79 -4.05 -6.43
C LYS A 27 -17.40 -4.38 -5.81
N MET A 28 -17.12 -3.80 -4.65
CA MET A 28 -15.97 -4.23 -3.85
C MET A 28 -16.43 -4.62 -2.46
N VAL A 29 -16.05 -5.84 -2.04
CA VAL A 29 -16.46 -6.39 -0.75
C VAL A 29 -15.26 -6.55 0.15
N ILE A 30 -15.14 -5.67 1.15
CA ILE A 30 -13.92 -5.58 1.93
C ILE A 30 -14.06 -6.09 3.37
N PRO A 31 -13.22 -7.04 3.79
CA PRO A 31 -13.31 -7.42 5.21
C PRO A 31 -13.02 -6.22 6.13
N TYR A 32 -13.93 -5.97 7.08
CA TYR A 32 -13.92 -4.69 7.81
C TYR A 32 -12.67 -4.41 8.63
N GLY A 33 -11.91 -5.46 8.94
CA GLY A 33 -10.62 -5.30 9.64
C GLY A 33 -9.59 -4.50 8.85
N TYR A 34 -9.78 -4.39 7.54
CA TYR A 34 -8.93 -3.56 6.65
C TYR A 34 -9.34 -2.08 6.61
N LEU A 35 -10.36 -1.72 7.39
CA LEU A 35 -10.90 -0.37 7.33
C LEU A 35 -10.69 0.43 8.61
N ALA A 36 -9.49 0.34 9.19
CA ALA A 36 -9.28 0.94 10.52
C ALA A 36 -9.52 2.44 10.55
N ARG A 37 -9.39 3.11 9.41
CA ARG A 37 -9.56 4.57 9.38
C ARG A 37 -11.01 5.01 9.63
N TYR A 38 -11.93 4.08 9.47
CA TYR A 38 -13.37 4.35 9.51
C TYR A 38 -13.98 3.72 10.75
N THR A 39 -13.62 4.27 11.91
CA THR A 39 -14.07 3.80 13.20
C THR A 39 -14.41 5.01 14.03
N GLN A 40 -15.15 4.81 15.12
CA GLN A 40 -15.48 5.87 16.04
C GLN A 40 -15.37 5.39 17.46
N ASP A 41 -15.27 6.35 18.39
CA ASP A 41 -15.18 6.07 19.82
C ASP A 41 -14.02 5.14 20.16
N ASN A 42 -12.80 5.64 20.02
CA ASN A 42 -11.60 4.86 20.33
C ASN A 42 -11.63 3.50 19.65
N ALA A 43 -12.06 3.52 18.39
CA ALA A 43 -12.07 2.34 17.55
C ALA A 43 -12.94 1.21 18.12
N THR A 44 -13.99 1.58 18.88
CA THR A 44 -15.01 0.63 19.33
C THR A 44 -16.18 0.50 18.36
N LYS A 45 -16.40 1.50 17.51
CA LYS A 45 -17.47 1.43 16.51
C LYS A 45 -16.86 1.44 15.11
N TRP A 46 -17.16 0.41 14.33
CA TRP A 46 -16.53 0.22 13.01
C TRP A 46 -17.54 0.43 11.88
N LEU A 47 -17.09 0.97 10.74
CA LEU A 47 -18.01 1.25 9.63
C LEU A 47 -18.79 -0.03 9.31
N SER A 48 -20.10 0.10 9.01
CA SER A 48 -20.93 -1.07 8.69
C SER A 48 -21.73 -0.86 7.42
N ASP A 49 -22.13 -1.94 6.76
CA ASP A 49 -23.23 -1.83 5.80
C ASP A 49 -24.46 -1.25 6.52
N THR A 50 -25.21 -0.40 5.80
CA THR A 50 -26.46 0.17 6.27
C THR A 50 -27.65 -0.45 5.54
N PRO A 51 -28.47 -1.26 6.24
CA PRO A 51 -29.69 -1.81 5.62
C PRO A 51 -30.61 -0.70 5.09
N GLY A 52 -31.25 -0.95 3.95
CA GLY A 52 -32.05 0.09 3.29
C GLY A 52 -31.33 0.82 2.17
N GLN A 53 -29.99 0.85 2.26
CA GLN A 53 -29.11 1.42 1.25
C GLN A 53 -28.41 0.29 0.46
N ASP A 54 -28.05 0.56 -0.81
CA ASP A 54 -27.41 -0.42 -1.71
C ASP A 54 -25.95 -0.81 -1.33
N ALA A 55 -25.11 0.20 -1.17
CA ALA A 55 -23.68 0.05 -0.98
C ALA A 55 -23.16 1.47 -0.96
N TYR A 56 -22.13 1.74 -0.21
CA TYR A 56 -21.46 3.03 -0.33
C TYR A 56 -20.96 3.23 -1.75
N SER A 57 -21.62 4.14 -2.46
CA SER A 57 -21.17 4.68 -3.75
C SER A 57 -20.07 5.72 -3.60
N ILE A 58 -18.84 5.35 -3.96
CA ILE A 58 -17.69 6.25 -3.78
C ILE A 58 -16.68 6.14 -4.91
N ASN A 59 -15.72 7.07 -4.93
CA ASN A 59 -14.62 7.04 -5.90
C ASN A 59 -13.36 6.40 -5.35
N LEU A 60 -13.09 6.60 -4.06
CA LEU A 60 -11.91 6.04 -3.43
C LEU A 60 -12.12 5.62 -1.98
N ILE A 61 -11.30 4.66 -1.56
CA ILE A 61 -11.31 4.10 -0.24
C ILE A 61 -9.84 3.94 0.14
N GLU A 62 -9.56 4.03 1.42
CA GLU A 62 -8.25 3.77 1.93
C GLU A 62 -8.29 2.58 2.89
N ILE A 63 -7.58 1.49 2.54
CA ILE A 63 -7.41 0.39 3.51
C ILE A 63 -6.17 0.59 4.34
N SER A 64 -6.15 0.00 5.53
CA SER A 64 -4.98 0.00 6.37
C SER A 64 -4.53 -1.42 6.71
N VAL A 65 -3.23 -1.67 6.57
CA VAL A 65 -2.70 -3.00 6.87
C VAL A 65 -1.51 -2.89 7.84
N TYR A 66 -1.47 -3.80 8.80
CA TYR A 66 -0.33 -3.99 9.67
C TYR A 66 0.64 -4.92 8.96
N TYR A 67 1.90 -4.50 8.86
CA TYR A 67 2.96 -5.33 8.28
C TYR A 67 3.85 -5.94 9.37
N LYS A 68 4.14 -7.22 9.22
CA LYS A 68 4.74 -8.03 10.27
C LYS A 68 5.83 -8.91 9.66
N LYS A 69 6.97 -8.98 10.35
CA LYS A 69 8.06 -9.91 9.98
C LYS A 69 7.67 -11.33 10.32
N THR A 70 7.74 -12.23 9.35
CA THR A 70 7.77 -13.66 9.66
C THR A 70 9.01 -14.31 9.06
N ASP A 71 9.15 -15.62 9.28
CA ASP A 71 10.27 -16.40 8.78
C ASP A 71 10.12 -16.68 7.29
N GLN A 72 8.90 -16.50 6.78
CA GLN A 72 8.64 -16.57 5.35
C GLN A 72 8.64 -15.18 4.70
N GLY A 73 8.76 -14.14 5.54
CA GLY A 73 8.89 -12.76 5.08
C GLY A 73 7.88 -11.85 5.76
N TRP A 74 7.77 -10.63 5.27
CA TRP A 74 6.73 -9.69 5.73
C TRP A 74 5.34 -10.16 5.29
N VAL A 75 4.38 -10.12 6.20
CA VAL A 75 2.98 -10.38 5.86
C VAL A 75 2.13 -9.17 6.24
N LEU A 76 0.99 -9.00 5.56
CA LEU A 76 0.07 -7.89 5.83
C LEU A 76 -1.14 -8.47 6.52
N GLU A 77 -1.67 -7.74 7.50
CA GLU A 77 -2.79 -8.23 8.31
C GLU A 77 -3.82 -7.15 8.54
N PRO A 78 -5.11 -7.53 8.62
CA PRO A 78 -6.12 -6.58 9.07
C PRO A 78 -6.06 -6.46 10.60
N TYR A 79 -6.85 -5.55 11.16
CA TYR A 79 -7.01 -5.43 12.60
C TYR A 79 -7.48 -6.77 13.21
N ASN A 80 -6.69 -7.30 14.14
CA ASN A 80 -7.13 -8.46 14.91
C ASN A 80 -6.76 -8.31 16.39
N GLN A 81 -7.16 -9.28 17.20
CA GLN A 81 -6.88 -9.25 18.62
C GLN A 81 -5.38 -9.35 18.96
N GLN A 82 -4.61 -10.07 18.13
CA GLN A 82 -3.15 -10.18 18.29
C GLN A 82 -2.38 -8.89 17.97
N ASN A 83 -2.78 -8.17 16.92
CA ASN A 83 -2.03 -6.97 16.54
C ASN A 83 -2.70 -5.63 16.91
N LYS A 84 -3.84 -5.68 17.60
CA LYS A 84 -4.66 -4.48 17.81
C LYS A 84 -3.91 -3.24 18.33
N ALA A 85 -2.94 -3.45 19.24
CA ALA A 85 -2.20 -2.35 19.85
C ALA A 85 -1.46 -1.48 18.83
N HIS A 86 -1.04 -2.10 17.72
CA HIS A 86 -0.32 -1.42 16.65
C HIS A 86 -1.25 -0.52 15.84
N PHE A 87 -2.45 -1.03 15.55
CA PHE A 87 -3.48 -0.23 14.89
C PHE A 87 -3.98 0.94 15.77
N ILE A 88 -4.06 0.71 17.07
CA ILE A 88 -4.54 1.74 17.96
C ILE A 88 -3.52 2.88 18.08
N GLN A 89 -2.22 2.51 18.09
CA GLN A 89 -1.14 3.49 18.11
C GLN A 89 -1.13 4.26 16.78
N PHE A 90 -1.37 3.54 15.69
CA PHE A 90 -1.47 4.15 14.35
C PHE A 90 -2.64 5.13 14.26
N LEU A 91 -3.80 4.72 14.74
CA LEU A 91 -4.96 5.60 14.81
C LEU A 91 -4.74 6.80 15.74
N ARG A 92 -3.94 6.61 16.79
CA ARG A 92 -3.66 7.67 17.75
C ARG A 92 -2.78 8.74 17.16
N ASP A 93 -1.66 8.34 16.56
CA ASP A 93 -0.74 9.35 16.00
C ASP A 93 0.01 8.97 14.71
N GLY A 94 -0.23 7.77 14.20
CA GLY A 94 0.40 7.34 12.96
C GLY A 94 1.75 6.67 13.13
N LEU A 95 2.24 6.61 14.36
CA LEU A 95 3.59 6.12 14.59
C LEU A 95 3.64 4.65 14.95
N ASP A 96 3.17 3.81 14.04
CA ASP A 96 3.32 2.38 14.19
C ASP A 96 3.41 1.75 12.81
N SER A 97 3.61 0.44 12.76
CA SER A 97 3.89 -0.23 11.48
C SER A 97 2.61 -0.58 10.71
N VAL A 98 1.81 0.44 10.43
CA VAL A 98 0.55 0.25 9.71
C VAL A 98 0.59 1.18 8.52
N ASP A 99 0.35 0.62 7.33
CA ASP A 99 0.36 1.40 6.08
C ASP A 99 -1.03 1.67 5.53
N ASP A 100 -1.16 2.80 4.84
CA ASP A 100 -2.40 3.10 4.09
C ASP A 100 -2.28 2.80 2.61
N ILE A 101 -3.26 2.07 2.09
CA ILE A 101 -3.32 1.76 0.67
C ILE A 101 -4.54 2.45 0.03
N VAL A 102 -4.29 3.39 -0.89
CA VAL A 102 -5.35 4.21 -1.49
C VAL A 102 -5.83 3.56 -2.80
N ILE A 103 -7.11 3.17 -2.81
CA ILE A 103 -7.71 2.45 -3.93
C ILE A 103 -8.78 3.34 -4.59
N ARG A 104 -8.59 3.64 -5.87
CA ARG A 104 -9.54 4.47 -6.63
C ARG A 104 -9.95 3.79 -7.93
N LYS A 105 -11.24 3.78 -8.25
CA LYS A 105 -11.63 3.29 -9.57
C LYS A 105 -11.27 4.37 -10.59
N ASP A 106 -10.33 4.05 -11.49
CA ASP A 106 -9.75 5.08 -12.35
C ASP A 106 -8.97 4.48 -13.51
N ALA A 107 -8.91 5.20 -14.62
CA ALA A 107 -8.03 4.82 -15.73
C ALA A 107 -6.57 4.83 -15.27
N CYS A 108 -5.83 3.82 -15.71
CA CYS A 108 -4.41 3.71 -15.42
C CYS A 108 -3.64 4.79 -16.16
N SER A 109 -2.83 5.55 -15.41
CA SER A 109 -2.05 6.66 -15.98
C SER A 109 -0.54 6.44 -15.95
N LEU A 110 -0.13 5.21 -15.67
CA LEU A 110 1.29 4.82 -15.79
C LEU A 110 1.60 4.54 -17.25
N SER A 111 2.56 5.26 -17.84
CA SER A 111 3.00 4.97 -19.22
C SER A 111 3.87 3.71 -19.30
N THR A 112 3.91 3.07 -20.48
CA THR A 112 4.80 1.92 -20.70
C THR A 112 6.27 2.35 -21.00
N THR A 113 6.53 3.66 -20.95
CA THR A 113 7.83 4.25 -21.29
C THR A 113 8.60 4.83 -20.09
N MET A 114 8.16 4.51 -18.88
CA MET A 114 8.84 4.98 -17.67
C MET A 114 10.31 4.50 -17.62
N GLY A 115 10.53 3.24 -17.95
CA GLY A 115 11.89 2.70 -18.02
C GLY A 115 12.79 3.45 -18.98
N GLU A 116 12.25 3.81 -20.15
CA GLU A 116 12.98 4.64 -21.13
C GLU A 116 13.39 5.97 -20.52
N ARG A 117 12.48 6.55 -19.77
CA ARG A 117 12.68 7.87 -19.18
C ARG A 117 13.73 7.80 -18.08
N LEU A 118 13.71 6.73 -17.29
CA LEU A 118 14.74 6.56 -16.28
C LEU A 118 16.12 6.48 -16.93
N LEU A 119 16.27 5.63 -17.95
CA LEU A 119 17.53 5.49 -18.68
C LEU A 119 17.99 6.76 -19.38
N THR A 120 17.03 7.47 -19.97
CA THR A 120 17.28 8.77 -20.59
C THR A 120 17.92 9.75 -19.61
N TYR A 121 17.53 9.66 -18.33
CA TYR A 121 18.08 10.56 -17.32
C TYR A 121 19.32 10.02 -16.61
N GLY A 122 19.79 8.84 -17.00
CA GLY A 122 21.04 8.29 -16.48
C GLY A 122 20.85 7.33 -15.33
N VAL A 123 19.61 6.99 -14.99
CA VAL A 123 19.36 5.85 -14.09
C VAL A 123 19.93 4.56 -14.75
N LYS A 124 20.43 3.63 -13.94
CA LYS A 124 21.07 2.43 -14.46
C LYS A 124 20.14 1.22 -14.39
N LYS A 125 20.18 0.43 -15.46
CA LYS A 125 19.33 -0.74 -15.54
C LYS A 125 20.02 -1.84 -14.78
N MET A 126 19.23 -2.57 -14.02
CA MET A 126 19.77 -3.54 -13.09
C MET A 126 19.13 -4.87 -13.35
N PRO A 127 19.84 -5.97 -13.04
CA PRO A 127 19.13 -7.26 -13.15
C PRO A 127 18.07 -7.36 -12.06
N SER A 128 17.00 -8.08 -12.35
CA SER A 128 15.84 -8.14 -11.47
C SER A 128 15.66 -9.56 -10.96
N ALA A 129 15.28 -9.65 -9.68
CA ALA A 129 14.98 -10.94 -9.05
C ALA A 129 13.67 -11.56 -9.54
N TYR A 130 12.86 -10.79 -10.28
CA TYR A 130 11.58 -11.23 -10.82
C TYR A 130 11.50 -10.95 -12.32
N PRO A 131 11.20 -11.98 -13.12
CA PRO A 131 10.98 -11.84 -14.57
C PRO A 131 9.94 -10.75 -14.95
N GLU A 132 8.89 -10.62 -14.15
CA GLU A 132 7.82 -9.67 -14.45
C GLU A 132 8.21 -8.22 -14.08
N TYR A 133 9.36 -8.04 -13.43
CA TYR A 133 9.84 -6.69 -13.08
C TYR A 133 11.12 -6.32 -13.82
N GLU A 134 11.25 -5.04 -14.14
CA GLU A 134 12.50 -4.51 -14.60
C GLU A 134 12.96 -3.66 -13.43
N ALA A 135 14.27 -3.60 -13.23
CA ALA A 135 14.81 -2.96 -12.05
C ALA A 135 15.83 -1.93 -12.48
N TYR A 136 15.88 -0.85 -11.73
CA TYR A 136 16.69 0.32 -12.05
C TYR A 136 17.29 0.86 -10.77
N GLU A 137 18.49 1.40 -10.87
CA GLU A 137 19.13 1.99 -9.72
C GLU A 137 19.94 3.21 -10.14
N ASP A 138 19.93 4.20 -9.25
CA ASP A 138 20.65 5.43 -9.40
C ASP A 138 21.39 5.80 -8.11
N LYS A 139 22.71 5.80 -8.20
CA LYS A 139 23.56 6.10 -7.06
C LYS A 139 24.69 7.03 -7.53
N ARG A 140 24.43 7.86 -8.54
CA ARG A 140 25.38 8.87 -9.04
C ARG A 140 25.95 9.65 -7.87
N HIS A 141 27.23 10.02 -7.98
CA HIS A 141 27.78 11.03 -7.07
C HIS A 141 27.21 12.41 -7.45
N ILE A 142 26.48 13.00 -6.50
CA ILE A 142 26.02 14.37 -6.61
C ILE A 142 26.83 15.14 -5.56
N PRO A 143 27.49 16.25 -5.97
CA PRO A 143 28.36 16.98 -5.05
C PRO A 143 27.68 17.50 -3.78
N GLU A 144 26.48 18.08 -3.91
CA GLU A 144 25.81 18.67 -2.75
C GLU A 144 24.86 17.71 -2.02
N ASN A 145 24.75 16.49 -2.54
CA ASN A 145 24.12 15.38 -1.82
C ASN A 145 24.87 14.06 -2.05
N PRO A 146 25.81 13.72 -1.15
CA PRO A 146 26.57 12.46 -1.24
C PRO A 146 25.80 11.17 -0.86
N TYR A 147 24.55 11.32 -0.41
CA TYR A 147 23.75 10.22 0.12
C TYR A 147 22.59 9.77 -0.80
N PHE A 148 22.42 10.49 -1.91
CA PHE A 148 21.48 10.13 -2.97
C PHE A 148 21.63 8.67 -3.40
N HIS A 149 20.51 7.96 -3.37
CA HIS A 149 20.42 6.56 -3.76
C HIS A 149 18.94 6.29 -4.03
N GLU A 150 18.62 5.92 -5.27
CA GLU A 150 17.24 5.57 -5.62
C GLU A 150 17.19 4.23 -6.37
N PHE A 151 16.14 3.47 -6.10
CA PHE A 151 15.82 2.23 -6.81
C PHE A 151 14.44 2.33 -7.41
N TYR A 152 14.30 1.73 -8.59
CA TYR A 152 13.00 1.64 -9.21
C TYR A 152 12.74 0.22 -9.70
N TYR A 153 11.53 -0.26 -9.46
CA TYR A 153 11.11 -1.55 -9.97
C TYR A 153 9.80 -1.37 -10.72
N ILE A 154 9.79 -1.76 -11.98
CA ILE A 154 8.65 -1.55 -12.87
C ILE A 154 8.05 -2.87 -13.34
N LYS A 155 6.79 -3.10 -12.98
CA LYS A 155 6.02 -4.24 -13.47
C LYS A 155 5.18 -3.72 -14.63
N LYS A 156 5.18 -4.41 -15.77
CA LYS A 156 4.21 -4.07 -16.82
C LYS A 156 3.14 -5.16 -16.92
N GLY A 157 2.68 -5.43 -18.14
CA GLY A 157 1.60 -6.37 -18.35
C GLY A 157 0.29 -5.77 -17.87
N GLU A 158 -0.69 -6.64 -17.63
CA GLU A 158 -2.06 -6.21 -17.36
C GLU A 158 -2.28 -5.38 -16.09
N ASN A 159 -1.42 -5.56 -15.10
CA ASN A 159 -1.53 -4.81 -13.84
C ASN A 159 -0.22 -4.10 -13.48
N PRO A 160 0.12 -3.03 -14.23
CA PRO A 160 1.44 -2.40 -14.02
C PRO A 160 1.59 -1.80 -12.65
N ALA A 161 2.83 -1.52 -12.29
CA ALA A 161 3.20 -0.89 -11.02
C ALA A 161 4.58 -0.23 -11.21
N ILE A 162 4.81 0.89 -10.53
CA ILE A 162 6.18 1.39 -10.33
C ILE A 162 6.46 1.57 -8.83
N ILE A 163 7.60 1.01 -8.39
CA ILE A 163 8.04 1.07 -6.99
C ILE A 163 9.30 1.91 -6.92
N THR A 164 9.28 2.92 -6.06
CA THR A 164 10.40 3.83 -5.86
C THR A 164 10.78 3.78 -4.39
N HIS A 165 12.05 3.44 -4.15
CA HIS A 165 12.63 3.30 -2.83
C HIS A 165 13.86 4.20 -2.85
N ARG A 166 13.96 5.09 -1.86
CA ARG A 166 14.85 6.24 -1.97
C ARG A 166 15.44 6.65 -0.61
N ASN A 167 16.74 6.96 -0.58
CA ASN A 167 17.36 7.56 0.62
C ASN A 167 17.03 9.04 0.78
N ASN A 168 16.40 9.40 1.91
CA ASN A 168 15.98 10.79 2.17
C ASN A 168 16.99 11.66 2.92
N ARG A 169 18.05 11.02 3.42
CA ARG A 169 19.13 11.71 4.14
C ARG A 169 19.72 12.86 3.32
N ILE A 170 19.85 14.03 3.94
CA ILE A 170 20.44 15.21 3.28
C ILE A 170 21.71 15.68 3.98
N ASN A 171 21.80 15.44 5.30
CA ASN A 171 22.94 15.93 6.10
C ASN A 171 23.89 14.84 6.59
N GLN A 172 25.15 15.22 6.75
CA GLN A 172 26.18 14.34 7.25
C GLN A 172 25.81 13.80 8.64
N THR A 173 25.23 14.68 9.45
CA THR A 173 24.86 14.36 10.84
C THR A 173 23.65 13.40 10.98
N GLU A 174 23.00 13.05 9.86
CA GLU A 174 21.84 12.16 9.92
C GLU A 174 22.20 10.72 9.59
N GLU A 175 21.38 9.79 10.06
CA GLU A 175 21.41 8.40 9.62
C GLU A 175 20.73 8.29 8.27
N ASP A 176 21.12 7.29 7.49
CA ASP A 176 20.41 6.93 6.27
C ASP A 176 18.94 6.64 6.56
N SER A 177 18.06 7.15 5.70
CA SER A 177 16.61 7.01 5.95
C SER A 177 15.82 6.77 4.68
N TYR A 178 15.54 5.50 4.42
CA TYR A 178 14.83 5.10 3.20
C TYR A 178 13.30 5.15 3.33
N SER A 179 12.65 5.44 2.21
CA SER A 179 11.20 5.42 2.14
C SER A 179 10.75 4.95 0.74
N THR A 180 9.51 4.53 0.65
CA THR A 180 8.99 3.87 -0.57
C THR A 180 7.65 4.47 -1.01
N SER A 181 7.48 4.62 -2.32
CA SER A 181 6.16 4.92 -2.89
C SER A 181 5.83 3.87 -3.95
N VAL A 182 4.56 3.50 -4.00
CA VAL A 182 4.09 2.57 -5.01
C VAL A 182 2.89 3.17 -5.72
N GLY A 183 2.96 3.19 -7.03
CA GLY A 183 1.83 3.57 -7.85
C GLY A 183 1.52 2.35 -8.67
N SER A 184 0.25 1.95 -8.76
CA SER A 184 -0.08 0.78 -9.58
C SER A 184 -1.49 0.81 -10.11
N CYS A 185 -1.76 -0.11 -11.03
CA CYS A 185 -3.08 -0.29 -11.59
C CYS A 185 -3.48 -1.76 -11.49
N ILE A 186 -4.59 -2.01 -10.79
CA ILE A 186 -5.01 -3.36 -10.52
C ILE A 186 -6.48 -3.52 -10.90
N ASN A 187 -6.74 -4.13 -12.05
CA ASN A 187 -8.10 -4.47 -12.50
C ASN A 187 -9.09 -3.30 -12.38
N GLY A 188 -8.77 -2.20 -13.06
CA GLY A 188 -9.63 -1.01 -13.07
C GLY A 188 -9.43 -0.04 -11.92
N PHE A 189 -8.54 -0.38 -10.99
CA PHE A 189 -8.28 0.54 -9.88
C PHE A 189 -6.88 1.04 -9.93
N THR A 190 -6.68 2.28 -9.54
CA THR A 190 -5.33 2.71 -9.25
C THR A 190 -5.11 2.50 -7.74
N VAL A 191 -3.94 1.98 -7.37
CA VAL A 191 -3.66 1.59 -5.99
C VAL A 191 -2.35 2.24 -5.65
N GLN A 192 -2.39 3.28 -4.81
CA GLN A 192 -1.21 4.05 -4.46
C GLN A 192 -0.94 4.08 -2.97
N TYR A 193 0.34 3.94 -2.59
CA TYR A 193 0.69 3.84 -1.16
C TYR A 193 2.17 4.04 -0.84
N TYR A 194 2.43 4.34 0.43
CA TYR A 194 3.77 4.36 1.00
C TYR A 194 3.92 3.19 1.97
N PRO A 195 4.50 2.07 1.50
CA PRO A 195 4.67 0.88 2.33
C PRO A 195 5.82 1.02 3.32
N PHE A 196 5.89 0.13 4.32
CA PHE A 196 7.01 0.06 5.27
C PHE A 196 7.29 1.45 5.84
N ILE A 197 6.23 2.10 6.27
CA ILE A 197 6.25 3.49 6.69
C ILE A 197 7.18 3.77 7.87
N ARG A 198 7.37 2.77 8.74
CA ARG A 198 8.26 2.95 9.89
C ARG A 198 9.66 2.35 9.68
N GLU A 199 9.95 1.91 8.46
CA GLU A 199 11.26 1.34 8.15
C GLU A 199 12.17 2.42 7.59
N LYS A 200 13.33 2.60 8.23
CA LYS A 200 14.34 3.55 7.80
C LYS A 200 15.43 2.83 6.99
N GLN A 201 15.49 1.51 7.15
CA GLN A 201 16.57 0.73 6.57
C GLN A 201 16.28 0.46 5.11
N GLN A 202 17.35 0.26 4.34
CA GLN A 202 17.25 -0.11 2.95
C GLN A 202 16.61 -1.51 2.77
N LEU A 203 15.68 -1.62 1.82
CA LEU A 203 14.96 -2.88 1.59
C LEU A 203 15.35 -3.45 0.26
N THR A 204 15.27 -4.77 0.16
CA THR A 204 15.60 -5.47 -1.07
C THR A 204 14.43 -5.45 -2.04
N GLN A 205 14.67 -5.87 -3.29
CA GLN A 205 13.61 -6.02 -4.25
C GLN A 205 12.57 -7.01 -3.74
N GLN A 206 13.04 -8.11 -3.14
CA GLN A 206 12.19 -9.20 -2.65
C GLN A 206 11.20 -8.74 -1.58
N GLU A 207 11.63 -7.83 -0.70
CA GLU A 207 10.74 -7.34 0.35
C GLU A 207 9.66 -6.42 -0.24
N LEU A 208 10.04 -5.62 -1.23
CA LEU A 208 9.14 -4.66 -1.87
C LEU A 208 8.11 -5.34 -2.74
N VAL A 209 8.58 -6.12 -3.69
CA VAL A 209 7.72 -6.92 -4.56
C VAL A 209 6.86 -7.93 -3.77
N GLY A 210 7.43 -8.51 -2.72
CA GLY A 210 6.67 -9.39 -1.81
C GLY A 210 5.46 -8.66 -1.22
N TYR A 211 5.67 -7.39 -0.84
CA TYR A 211 4.62 -6.56 -0.23
C TYR A 211 3.53 -6.28 -1.28
N HIS A 212 3.95 -5.78 -2.42
CA HIS A 212 3.04 -5.48 -3.51
C HIS A 212 2.23 -6.68 -4.04
N GLN A 213 2.88 -7.83 -4.19
CA GLN A 213 2.20 -9.08 -4.54
C GLN A 213 1.06 -9.38 -3.57
N GLN A 214 1.27 -9.16 -2.27
CA GLN A 214 0.16 -9.28 -1.32
C GLN A 214 -0.94 -8.24 -1.51
N VAL A 215 -0.55 -7.03 -1.91
CA VAL A 215 -1.48 -5.93 -2.16
C VAL A 215 -2.39 -6.27 -3.37
N GLU A 216 -1.79 -6.75 -4.45
CA GLU A 216 -2.57 -7.22 -5.60
C GLU A 216 -3.55 -8.32 -5.21
N GLN A 217 -3.03 -9.37 -4.58
CA GLN A 217 -3.87 -10.50 -4.14
C GLN A 217 -5.05 -9.98 -3.26
N LEU A 218 -4.74 -9.03 -2.39
CA LEU A 218 -5.72 -8.48 -1.46
C LEU A 218 -6.78 -7.72 -2.23
N VAL A 219 -6.37 -6.76 -3.07
CA VAL A 219 -7.27 -6.00 -3.92
C VAL A 219 -8.12 -6.92 -4.83
N GLN A 220 -7.49 -7.91 -5.45
CA GLN A 220 -8.22 -8.86 -6.32
C GLN A 220 -9.21 -9.71 -5.53
N SER A 221 -8.87 -10.05 -4.28
CA SER A 221 -9.83 -10.73 -3.41
C SER A 221 -11.09 -9.91 -3.10
N PHE A 222 -10.97 -8.59 -3.11
CA PHE A 222 -12.13 -7.70 -2.84
C PHE A 222 -13.16 -7.65 -3.96
N VAL A 223 -12.71 -7.83 -5.20
CA VAL A 223 -13.59 -7.79 -6.37
C VAL A 223 -14.05 -9.18 -6.79
N ASN A 224 -13.28 -10.20 -6.44
CA ASN A 224 -13.51 -11.57 -6.90
C ASN A 224 -14.82 -12.22 -6.38
N ASN A 225 -15.07 -12.07 -5.07
CA ASN A 225 -16.33 -12.51 -4.43
C ASN A 225 -16.78 -13.94 -4.79
#